data_6XD2
#
_entry.id   6XD2
#
_cell.length_a   66.245
_cell.length_b   66.245
_cell.length_c   290.049
_cell.angle_alpha   90.000
_cell.angle_beta   90.000
_cell.angle_gamma   120.000
#
_symmetry.space_group_name_H-M   'P 65 2 2'
#
loop_
_entity.id
_entity.type
_entity.pdbx_description
1 polymer 'Pepsin A'
2 non-polymer (3R,3AS,6AR)-HEXAHYDROFURO[2,3-B]FURAN-3-YL(1S,2R)-3-[[(4-AMINOPHENYL)SULFONYL](ISOBUTYL)AMINO]-1-BENZYL-2-HYDROXYPROPYLCARBAMATE
3 water water
#
_entity_poly.entity_id   1
_entity_poly.type   'polypeptide(L)'
_entity_poly.pdbx_seq_one_letter_code
;IGDEPLENYLDTEYFGTIGIGTPAQDFTVIFDTGSSNLWVPSVYCSSLACSDHNQFNPDDSSTFEAT(SEP)QELSITYG
TGSMTGILGYDTVQVGGISDTNQIFGLSETEPGSFLYYAPFDGILGLAYPSISASGATPVFDNLWDQGLVSQDLFSVYLS
SNDDSGSVVLLGGIDSSYYTGSLNWVPVSVEGYWQITLDSITMDGETIACSGGCQAIVDTGTSLLTGPTSAIANIQSDIG
ASENSDGEMVISCSSIDSLPDIVFTINGVQYPLSPSAYILQDDDSCTSGFEGMDVPTSSGELWILGDVFIRQYYTVFDRA
NNKVGLAPVA
;
_entity_poly.pdbx_strand_id   A
#
# COMPACT_ATOMS: atom_id res chain seq x y z
N ILE A 1 -20.86 2.33 -6.30
CA ILE A 1 -19.79 2.44 -5.25
C ILE A 1 -19.58 1.04 -4.72
N GLY A 2 -18.33 0.62 -4.61
CA GLY A 2 -18.01 -0.73 -4.15
C GLY A 2 -17.15 -0.71 -2.90
N ASP A 3 -17.49 -1.57 -1.94
CA ASP A 3 -16.74 -1.72 -0.70
C ASP A 3 -15.92 -3.00 -0.81
N GLU A 4 -14.59 -2.92 -0.70
CA GLU A 4 -13.76 -4.11 -0.54
C GLU A 4 -13.28 -4.20 0.90
N PRO A 5 -13.85 -5.08 1.72
CA PRO A 5 -13.29 -5.28 3.07
C PRO A 5 -11.85 -5.77 2.98
N LEU A 6 -11.03 -5.31 3.92
CA LEU A 6 -9.65 -5.77 4.07
C LEU A 6 -9.49 -6.43 5.42
N GLU A 7 -8.79 -7.56 5.42
CA GLU A 7 -8.33 -8.18 6.65
C GLU A 7 -7.09 -7.44 7.15
N ASN A 8 -7.09 -7.07 8.42
CA ASN A 8 -5.94 -6.46 9.08
C ASN A 8 -5.11 -7.59 9.68
N TYR A 9 -3.98 -7.92 9.03
CA TYR A 9 -3.10 -8.98 9.49
C TYR A 9 -2.01 -8.37 10.35
N LEU A 10 -2.17 -8.48 11.68
CA LEU A 10 -1.13 -8.10 12.65
C LEU A 10 -0.70 -6.65 12.48
N ASP A 11 -1.60 -5.78 12.04
CA ASP A 11 -1.28 -4.39 11.77
C ASP A 11 -0.11 -4.25 10.78
N THR A 12 0.15 -5.26 9.96
CA THR A 12 1.32 -5.29 9.10
C THR A 12 0.99 -5.45 7.62
N GLU A 13 -0.07 -6.17 7.29
CA GLU A 13 -0.50 -6.35 5.92
C GLU A 13 -2.02 -6.26 5.89
N TYR A 14 -2.54 -5.63 4.85
CA TYR A 14 -3.99 -5.49 4.70
C TYR A 14 -4.36 -6.04 3.33
N PHE A 15 -5.09 -7.15 3.31
CA PHE A 15 -5.46 -7.80 2.06
C PHE A 15 -6.93 -8.13 2.05
N GLY A 16 -7.49 -8.21 0.85
CA GLY A 16 -8.88 -8.56 0.66
C GLY A 16 -9.02 -9.69 -0.36
N THR A 17 -10.23 -10.22 -0.43
CA THR A 17 -10.54 -11.31 -1.32
C THR A 17 -11.04 -10.79 -2.65
N ILE A 18 -10.61 -11.44 -3.73
CA ILE A 18 -11.15 -11.19 -5.06
C ILE A 18 -11.48 -12.55 -5.68
N GLY A 19 -12.38 -12.52 -6.65
CA GLY A 19 -12.67 -13.69 -7.49
C GLY A 19 -12.18 -13.44 -8.91
N ILE A 20 -11.60 -14.46 -9.53
CA ILE A 20 -11.16 -14.36 -10.92
C ILE A 20 -11.76 -15.53 -11.69
N GLY A 21 -12.37 -15.25 -12.84
CA GLY A 21 -12.86 -16.30 -13.71
C GLY A 21 -14.34 -16.61 -13.55
N THR A 22 -14.79 -17.53 -14.41
CA THR A 22 -16.17 -18.01 -14.42
C THR A 22 -16.19 -19.53 -14.41
N PRO A 23 -16.59 -20.17 -13.30
CA PRO A 23 -16.99 -19.57 -12.02
C PRO A 23 -15.80 -18.94 -11.30
N ALA A 24 -16.05 -18.10 -10.30
CA ALA A 24 -14.97 -17.37 -9.65
C ALA A 24 -14.05 -18.31 -8.88
N GLN A 25 -12.75 -18.12 -9.06
CA GLN A 25 -11.72 -18.70 -8.20
C GLN A 25 -11.22 -17.60 -7.28
N ASP A 26 -11.17 -17.87 -5.98
CA ASP A 26 -10.92 -16.82 -4.99
C ASP A 26 -9.44 -16.72 -4.61
N PHE A 27 -8.98 -15.48 -4.39
CA PHE A 27 -7.61 -15.19 -3.99
C PHE A 27 -7.63 -14.07 -2.94
N THR A 28 -6.65 -14.09 -2.03
CA THR A 28 -6.40 -12.90 -1.23
C THR A 28 -5.28 -12.09 -1.88
N VAL A 29 -5.47 -10.77 -1.98
CA VAL A 29 -4.45 -9.88 -2.54
C VAL A 29 -4.26 -8.65 -1.67
N ILE A 30 -2.99 -8.22 -1.55
CA ILE A 30 -2.66 -6.94 -0.94
C ILE A 30 -3.17 -5.84 -1.86
N PHE A 31 -3.94 -4.92 -1.31
CA PHE A 31 -4.34 -3.73 -2.07
C PHE A 31 -3.26 -2.69 -1.88
N ASP A 32 -2.45 -2.49 -2.92
CA ASP A 32 -1.12 -1.88 -2.83
C ASP A 32 -1.08 -0.55 -3.59
N THR A 33 -1.14 0.56 -2.87
CA THR A 33 -1.08 1.83 -3.57
C THR A 33 0.35 2.21 -4.01
N GLY A 34 1.34 1.37 -3.71
CA GLY A 34 2.71 1.51 -4.18
C GLY A 34 3.12 0.72 -5.42
N SER A 35 2.18 0.05 -6.08
CA SER A 35 2.43 -0.62 -7.35
C SER A 35 1.15 -0.59 -8.17
N SER A 36 1.21 -1.09 -9.40
CA SER A 36 0.06 -0.97 -10.30
C SER A 36 -0.38 -2.25 -11.01
N ASN A 37 0.33 -3.36 -10.84
CA ASN A 37 -0.06 -4.59 -11.48
C ASN A 37 -0.98 -5.40 -10.59
N LEU A 38 -1.91 -6.14 -11.21
CA LEU A 38 -2.61 -7.24 -10.58
C LEU A 38 -2.01 -8.56 -11.06
N TRP A 39 -1.65 -9.43 -10.13
CA TRP A 39 -1.22 -10.79 -10.44
C TRP A 39 -1.59 -11.73 -9.31
N VAL A 40 -1.77 -13.00 -9.66
CA VAL A 40 -2.00 -14.07 -8.69
C VAL A 40 -1.17 -15.27 -9.10
N PRO A 41 -0.95 -16.22 -8.20
CA PRO A 41 -0.26 -17.46 -8.59
C PRO A 41 -1.12 -18.25 -9.55
N SER A 42 -0.47 -19.07 -10.38
CA SER A 42 -1.18 -19.91 -11.33
C SER A 42 -0.64 -21.34 -11.34
N VAL A 43 -1.41 -22.23 -11.98
CA VAL A 43 -0.98 -23.60 -12.16
C VAL A 43 0.26 -23.73 -13.04
N TYR A 44 0.70 -22.63 -13.68
CA TYR A 44 1.94 -22.66 -14.45
C TYR A 44 3.19 -22.46 -13.60
N CYS A 45 3.05 -22.26 -12.29
CA CYS A 45 4.17 -21.90 -11.44
C CYS A 45 4.49 -23.07 -10.52
N SER A 46 5.78 -23.44 -10.45
CA SER A 46 6.25 -24.51 -9.58
C SER A 46 7.10 -23.98 -8.41
N SER A 47 7.20 -22.67 -8.26
CA SER A 47 7.94 -22.12 -7.13
C SER A 47 7.30 -22.53 -5.80
N LEU A 48 8.10 -22.54 -4.74
CA LEU A 48 7.56 -22.90 -3.43
C LEU A 48 6.40 -21.99 -3.03
N ALA A 49 6.55 -20.67 -3.23
CA ALA A 49 5.48 -19.75 -2.84
C ALA A 49 4.20 -20.00 -3.63
N CYS A 50 4.32 -20.48 -4.87
CA CYS A 50 3.13 -20.87 -5.62
C CYS A 50 2.49 -22.11 -5.03
N SER A 51 3.31 -23.06 -4.58
CA SER A 51 2.79 -24.31 -4.04
C SER A 51 2.04 -24.12 -2.73
N ASP A 52 2.37 -23.08 -1.94
CA ASP A 52 1.65 -22.86 -0.69
C ASP A 52 0.69 -21.67 -0.75
N HIS A 53 0.20 -21.35 -1.95
CA HIS A 53 -0.87 -20.38 -2.12
C HIS A 53 -1.86 -20.87 -3.17
N ASN A 54 -3.03 -20.21 -3.22
CA ASN A 54 -4.05 -20.54 -4.21
C ASN A 54 -3.51 -20.27 -5.61
N GLN A 55 -3.77 -21.20 -6.53
CA GLN A 55 -3.26 -21.12 -7.90
C GLN A 55 -4.42 -21.01 -8.88
N PHE A 56 -4.39 -19.96 -9.70
CA PHE A 56 -5.39 -19.78 -10.74
C PHE A 56 -5.22 -20.84 -11.83
N ASN A 57 -6.32 -21.42 -12.26
CA ASN A 57 -6.37 -22.43 -13.32
C ASN A 57 -7.19 -21.87 -14.47
N PRO A 58 -6.58 -21.32 -15.51
CA PRO A 58 -7.39 -20.74 -16.60
C PRO A 58 -8.23 -21.77 -17.33
N ASP A 59 -7.85 -23.05 -17.27
CA ASP A 59 -8.60 -24.12 -17.93
C ASP A 59 -10.02 -24.21 -17.42
N ASP A 60 -10.27 -23.78 -16.19
CA ASP A 60 -11.56 -23.94 -15.54
C ASP A 60 -12.43 -22.68 -15.65
N SER A 61 -11.99 -21.68 -16.40
CA SER A 61 -12.72 -20.43 -16.53
C SER A 61 -13.21 -20.26 -17.96
N SER A 62 -14.52 -20.14 -18.13
CA SER A 62 -15.10 -19.98 -19.46
C SER A 62 -14.89 -18.58 -20.02
N THR A 63 -14.44 -17.62 -19.22
CA THR A 63 -14.24 -16.25 -19.69
C THR A 63 -12.76 -15.89 -19.84
N PHE A 64 -11.85 -16.80 -19.54
CA PHE A 64 -10.43 -16.50 -19.70
C PHE A 64 -10.08 -16.30 -21.16
N GLU A 65 -9.19 -15.35 -21.43
CA GLU A 65 -8.61 -15.17 -22.75
C GLU A 65 -7.11 -15.03 -22.61
N ALA A 66 -6.35 -15.90 -23.27
CA ALA A 66 -4.90 -15.89 -23.19
C ALA A 66 -4.32 -14.73 -23.98
N THR A 67 -3.08 -14.39 -23.65
CA THR A 67 -2.27 -13.47 -24.45
C THR A 67 -0.86 -14.05 -24.61
N GLN A 69 1.79 -12.10 -23.97
CA GLN A 69 2.61 -11.10 -23.31
C GLN A 69 3.15 -11.61 -21.97
N GLU A 70 4.44 -11.44 -21.78
CA GLU A 70 5.08 -11.82 -20.53
C GLU A 70 5.11 -10.64 -19.56
N LEU A 71 5.41 -10.95 -18.30
CA LEU A 71 5.40 -10.04 -17.17
C LEU A 71 6.55 -10.40 -16.24
N SER A 72 7.24 -9.37 -15.72
CA SER A 72 8.23 -9.52 -14.66
C SER A 72 8.14 -8.33 -13.72
N ILE A 73 8.19 -8.59 -12.42
CA ILE A 73 8.13 -7.51 -11.43
C ILE A 73 9.07 -7.81 -10.28
N THR A 74 9.86 -6.81 -9.90
CA THR A 74 10.70 -6.87 -8.71
C THR A 74 10.22 -5.83 -7.72
N TYR A 75 9.77 -6.28 -6.56
CA TYR A 75 9.35 -5.40 -5.50
C TYR A 75 10.52 -5.13 -4.56
N GLY A 76 10.30 -4.21 -3.61
CA GLY A 76 11.29 -4.02 -2.55
C GLY A 76 11.75 -5.32 -1.95
N THR A 77 10.81 -6.19 -1.60
CA THR A 77 11.08 -7.58 -1.22
C THR A 77 10.07 -8.44 -1.96
N GLY A 78 10.55 -9.52 -2.58
CA GLY A 78 9.71 -10.37 -3.40
C GLY A 78 9.81 -10.01 -4.87
N SER A 79 9.44 -10.95 -5.73
CA SER A 79 9.49 -10.74 -7.17
C SER A 79 8.67 -11.84 -7.82
N MET A 80 8.36 -11.66 -9.11
CA MET A 80 7.64 -12.69 -9.85
C MET A 80 7.89 -12.52 -11.33
N THR A 81 7.68 -13.62 -12.07
CA THR A 81 7.52 -13.58 -13.51
C THR A 81 6.25 -14.35 -13.85
N GLY A 82 5.68 -14.05 -15.00
CA GLY A 82 4.53 -14.80 -15.45
C GLY A 82 4.08 -14.35 -16.82
N ILE A 83 2.82 -14.65 -17.11
CA ILE A 83 2.19 -14.34 -18.38
C ILE A 83 0.89 -13.61 -18.08
N LEU A 84 0.56 -12.66 -18.94
CA LEU A 84 -0.69 -11.91 -18.83
C LEU A 84 -1.83 -12.67 -19.48
N GLY A 85 -3.02 -12.54 -18.89
CA GLY A 85 -4.25 -13.05 -19.46
C GLY A 85 -5.37 -12.11 -19.08
N TYR A 86 -6.54 -12.33 -19.67
CA TYR A 86 -7.73 -11.54 -19.39
C TYR A 86 -8.79 -12.41 -18.73
N ASP A 87 -9.50 -11.85 -17.75
CA ASP A 87 -10.67 -12.50 -17.20
C ASP A 87 -11.49 -11.49 -16.39
N THR A 88 -12.65 -11.95 -15.94
CA THR A 88 -13.49 -11.12 -15.09
C THR A 88 -13.00 -11.23 -13.65
N VAL A 89 -12.79 -10.09 -13.02
CA VAL A 89 -12.33 -10.03 -11.63
C VAL A 89 -13.46 -9.43 -10.81
N GLN A 90 -13.91 -10.16 -9.78
CA GLN A 90 -14.89 -9.66 -8.83
C GLN A 90 -14.13 -8.98 -7.70
N VAL A 91 -14.36 -7.69 -7.53
CA VAL A 91 -13.63 -6.89 -6.55
C VAL A 91 -14.57 -5.84 -5.99
N GLY A 92 -14.73 -5.84 -4.66
CA GLY A 92 -15.56 -4.85 -4.01
C GLY A 92 -17.02 -4.86 -4.44
N GLY A 93 -17.52 -6.01 -4.86
CA GLY A 93 -18.87 -6.09 -5.35
C GLY A 93 -19.06 -5.73 -6.80
N ILE A 94 -17.96 -5.39 -7.50
CA ILE A 94 -17.99 -4.94 -8.89
C ILE A 94 -17.48 -6.05 -9.78
N SER A 95 -18.17 -6.29 -10.90
CA SER A 95 -17.72 -7.24 -11.92
C SER A 95 -16.79 -6.53 -12.90
N ASP A 96 -15.49 -6.61 -12.62
CA ASP A 96 -14.44 -6.00 -13.45
C ASP A 96 -14.17 -6.93 -14.65
N THR A 97 -15.00 -6.76 -15.68
CA THR A 97 -14.86 -7.55 -16.91
C THR A 97 -13.60 -7.14 -17.68
N ASN A 98 -13.06 -8.09 -18.43
CA ASN A 98 -11.98 -7.81 -19.38
C ASN A 98 -10.75 -7.22 -18.70
N GLN A 99 -10.37 -7.79 -17.56
CA GLN A 99 -9.25 -7.31 -16.77
C GLN A 99 -8.00 -8.12 -17.09
N ILE A 100 -6.96 -7.44 -17.55
CA ILE A 100 -5.67 -8.09 -17.75
C ILE A 100 -4.98 -8.25 -16.40
N PHE A 101 -4.32 -9.40 -16.22
CA PHE A 101 -3.64 -9.69 -14.96
C PHE A 101 -2.57 -10.73 -15.20
N GLY A 102 -1.65 -10.81 -14.25
CA GLY A 102 -0.54 -11.75 -14.34
C GLY A 102 -0.88 -13.09 -13.69
N LEU A 103 -0.51 -14.15 -14.42
CA LEU A 103 -0.54 -15.53 -13.96
C LEU A 103 0.91 -15.92 -13.68
N SER A 104 1.25 -16.13 -12.42
CA SER A 104 2.66 -16.26 -12.08
C SER A 104 3.22 -17.54 -12.69
N GLU A 105 4.47 -17.47 -13.12
CA GLU A 105 5.24 -18.66 -13.48
C GLU A 105 6.44 -18.88 -12.58
N THR A 106 6.99 -17.83 -11.97
CA THR A 106 7.93 -17.98 -10.87
C THR A 106 7.57 -16.97 -9.78
N GLU A 107 7.87 -17.37 -8.54
CA GLU A 107 7.72 -16.51 -7.37
C GLU A 107 8.81 -16.90 -6.38
N PRO A 108 10.05 -16.50 -6.62
CA PRO A 108 11.14 -16.95 -5.76
C PRO A 108 11.15 -16.24 -4.40
N GLY A 109 11.79 -16.91 -3.44
CA GLY A 109 12.12 -16.25 -2.20
C GLY A 109 11.18 -16.63 -1.06
N SER A 110 11.66 -16.38 0.16
CA SER A 110 10.91 -16.79 1.34
C SER A 110 9.81 -15.79 1.69
N PHE A 111 9.96 -14.51 1.35
CA PHE A 111 8.92 -13.56 1.75
C PHE A 111 7.57 -13.99 1.20
N LEU A 112 7.49 -14.27 -0.11
CA LEU A 112 6.20 -14.68 -0.68
C LEU A 112 5.76 -16.04 -0.15
N TYR A 113 6.70 -16.88 0.24
CA TYR A 113 6.34 -18.20 0.77
C TYR A 113 5.63 -18.07 2.11
N TYR A 114 6.14 -17.21 2.99
CA TYR A 114 5.58 -17.07 4.33
C TYR A 114 4.46 -16.05 4.41
N ALA A 115 4.23 -15.28 3.35
CA ALA A 115 3.18 -14.28 3.41
C ALA A 115 1.80 -14.94 3.38
N PRO A 116 0.82 -14.39 4.09
CA PRO A 116 -0.52 -15.00 4.05
C PRO A 116 -1.29 -14.75 2.75
N PHE A 117 -1.00 -13.69 2.01
CA PHE A 117 -1.75 -13.34 0.82
C PHE A 117 -1.24 -14.10 -0.40
N ASP A 118 -2.13 -14.28 -1.39
CA ASP A 118 -1.80 -15.00 -2.61
C ASP A 118 -1.11 -14.11 -3.63
N GLY A 119 -1.60 -12.88 -3.79
CA GLY A 119 -1.12 -12.01 -4.84
C GLY A 119 -1.23 -10.55 -4.49
N ILE A 120 -1.09 -9.67 -5.49
CA ILE A 120 -1.00 -8.24 -5.27
C ILE A 120 -1.92 -7.55 -6.28
N LEU A 121 -2.68 -6.56 -5.80
CA LEU A 121 -3.54 -5.75 -6.65
C LEU A 121 -3.06 -4.31 -6.48
N GLY A 122 -2.34 -3.81 -7.47
CA GLY A 122 -1.77 -2.48 -7.39
C GLY A 122 -2.81 -1.41 -7.72
N LEU A 123 -2.68 -0.27 -7.03
CA LEU A 123 -3.63 0.83 -7.12
C LEU A 123 -2.97 2.14 -7.56
N ALA A 124 -1.76 2.08 -8.09
CA ALA A 124 -1.01 3.26 -8.49
C ALA A 124 -1.21 3.53 -9.98
N TYR A 125 -0.38 4.39 -10.55
CA TYR A 125 -0.60 4.89 -11.90
C TYR A 125 -0.10 3.93 -12.96
N PRO A 126 -0.68 3.97 -14.17
CA PRO A 126 -0.24 3.05 -15.25
C PRO A 126 1.23 3.20 -15.62
N SER A 127 1.84 4.36 -15.38
CA SER A 127 3.22 4.60 -15.78
C SER A 127 4.21 3.66 -15.09
N ILE A 128 3.84 3.04 -13.98
CA ILE A 128 4.74 2.12 -13.29
C ILE A 128 4.25 0.69 -13.34
N SER A 129 3.28 0.40 -14.20
CA SER A 129 2.80 -0.96 -14.36
C SER A 129 3.72 -1.76 -15.27
N ALA A 130 4.18 -2.91 -14.80
CA ALA A 130 5.00 -3.76 -15.63
C ALA A 130 4.27 -4.20 -16.90
N SER A 131 5.00 -4.20 -18.02
CA SER A 131 4.47 -4.57 -19.34
C SER A 131 3.29 -3.70 -19.76
N GLY A 132 3.13 -2.52 -19.15
CA GLY A 132 2.02 -1.64 -19.46
C GLY A 132 0.66 -2.26 -19.22
N ALA A 133 0.58 -3.20 -18.29
CA ALA A 133 -0.68 -3.86 -17.99
C ALA A 133 -1.65 -2.86 -17.37
N THR A 134 -2.86 -2.80 -17.90
CA THR A 134 -3.87 -1.90 -17.38
C THR A 134 -4.14 -2.18 -15.90
N PRO A 135 -3.93 -1.23 -15.01
CA PRO A 135 -4.29 -1.45 -13.60
C PRO A 135 -5.79 -1.62 -13.42
N VAL A 136 -6.16 -2.34 -12.36
CA VAL A 136 -7.57 -2.61 -12.10
C VAL A 136 -8.39 -1.32 -12.07
N PHE A 137 -7.93 -0.32 -11.29
CA PHE A 137 -8.77 0.87 -11.12
C PHE A 137 -8.90 1.64 -12.43
N ASP A 138 -7.86 1.61 -13.28
CA ASP A 138 -7.97 2.20 -14.61
C ASP A 138 -9.02 1.48 -15.43
N ASN A 139 -9.05 0.14 -15.34
CA ASN A 139 -10.02 -0.63 -16.11
C ASN A 139 -11.44 -0.41 -15.61
N LEU A 140 -11.61 -0.25 -14.29
CA LEU A 140 -12.92 0.09 -13.76
C LEU A 140 -13.40 1.43 -14.32
N TRP A 141 -12.55 2.44 -14.26
CA TRP A 141 -12.94 3.76 -14.76
C TRP A 141 -13.19 3.71 -16.26
N ASP A 142 -12.31 3.03 -17.00
CA ASP A 142 -12.45 2.93 -18.45
C ASP A 142 -13.81 2.37 -18.84
N GLN A 143 -14.32 1.40 -18.09
CA GLN A 143 -15.59 0.74 -18.38
C GLN A 143 -16.78 1.38 -17.66
N GLY A 144 -16.56 2.52 -17.01
CA GLY A 144 -17.66 3.20 -16.34
C GLY A 144 -18.22 2.43 -15.16
N LEU A 145 -17.42 1.57 -14.55
CA LEU A 145 -17.90 0.79 -13.41
C LEU A 145 -17.88 1.58 -12.11
N VAL A 146 -17.17 2.69 -12.05
CA VAL A 146 -17.33 3.64 -10.97
C VAL A 146 -17.66 4.99 -11.60
N SER A 147 -18.57 5.75 -10.95
CA SER A 147 -18.99 7.03 -11.49
C SER A 147 -17.99 8.15 -11.19
N GLN A 148 -17.33 8.11 -10.04
CA GLN A 148 -16.25 9.04 -9.69
C GLN A 148 -14.91 8.32 -9.74
N ASP A 149 -13.92 9.02 -10.29
CA ASP A 149 -12.61 8.43 -10.62
C ASP A 149 -11.68 8.56 -9.42
N LEU A 150 -12.13 7.98 -8.31
CA LEU A 150 -11.39 8.03 -7.05
C LEU A 150 -11.74 6.83 -6.19
N PHE A 151 -10.86 6.53 -5.24
CA PHE A 151 -11.10 5.51 -4.22
C PHE A 151 -10.52 5.99 -2.90
N SER A 152 -11.00 5.46 -1.79
CA SER A 152 -10.51 5.88 -0.48
C SER A 152 -10.18 4.64 0.34
N VAL A 153 -9.25 4.80 1.29
CA VAL A 153 -8.77 3.68 2.10
C VAL A 153 -8.82 4.03 3.58
N TYR A 154 -9.50 3.17 4.34
CA TYR A 154 -9.44 3.19 5.79
C TYR A 154 -8.71 1.93 6.24
N LEU A 155 -7.61 2.10 6.96
CA LEU A 155 -6.89 0.99 7.59
C LEU A 155 -7.12 1.01 9.11
N SER A 156 -7.61 -0.10 9.66
CA SER A 156 -7.93 -0.20 11.07
C SER A 156 -6.66 -0.36 11.91
N SER A 157 -6.81 -0.13 13.21
CA SER A 157 -5.75 -0.28 14.18
C SER A 157 -6.05 -1.44 15.12
N ASN A 158 -5.02 -1.86 15.84
CA ASN A 158 -5.15 -2.86 16.90
C ASN A 158 -5.75 -4.17 16.36
N ASP A 159 -5.38 -4.55 15.14
CA ASP A 159 -5.80 -5.80 14.51
C ASP A 159 -7.33 -5.89 14.40
N ASP A 160 -8.04 -4.76 14.36
CA ASP A 160 -9.48 -4.73 14.33
C ASP A 160 -10.02 -5.00 12.92
N SER A 161 -11.27 -5.47 12.86
CA SER A 161 -11.99 -5.52 11.60
C SER A 161 -12.42 -4.11 11.18
N GLY A 162 -12.85 -3.98 9.94
CA GLY A 162 -13.41 -2.73 9.45
C GLY A 162 -12.61 -2.03 8.37
N SER A 163 -11.35 -2.43 8.13
CA SER A 163 -10.58 -1.83 7.05
C SER A 163 -11.33 -2.00 5.73
N VAL A 164 -11.24 -1.00 4.86
CA VAL A 164 -11.96 -1.06 3.59
C VAL A 164 -11.20 -0.26 2.54
N VAL A 165 -11.35 -0.69 1.29
CA VAL A 165 -11.11 0.15 0.13
C VAL A 165 -12.48 0.47 -0.46
N LEU A 166 -12.79 1.75 -0.56
CA LEU A 166 -14.09 2.20 -1.06
C LEU A 166 -13.86 2.69 -2.49
N LEU A 167 -14.31 1.88 -3.46
CA LEU A 167 -14.10 2.14 -4.89
C LEU A 167 -15.19 3.10 -5.38
N GLY A 168 -14.76 4.29 -5.81
CA GLY A 168 -15.66 5.31 -6.31
C GLY A 168 -16.31 6.19 -5.27
N GLY A 169 -15.82 6.16 -4.03
CA GLY A 169 -16.49 6.91 -2.98
C GLY A 169 -15.59 7.41 -1.87
N ILE A 170 -16.11 8.42 -1.18
CA ILE A 170 -15.55 8.98 0.05
C ILE A 170 -16.65 8.85 1.09
N ASP A 171 -16.29 8.41 2.30
CA ASP A 171 -17.26 8.16 3.36
C ASP A 171 -16.81 8.88 4.63
N SER A 172 -17.49 9.98 4.97
CA SER A 172 -17.06 10.80 6.11
C SER A 172 -17.31 10.14 7.46
N SER A 173 -17.94 8.97 7.55
CA SER A 173 -18.00 8.32 8.85
C SER A 173 -16.64 7.77 9.26
N TYR A 174 -15.68 7.71 8.34
CA TYR A 174 -14.35 7.20 8.66
C TYR A 174 -13.38 8.28 9.13
N TYR A 175 -13.78 9.56 9.11
CA TYR A 175 -12.84 10.61 9.46
C TYR A 175 -13.55 11.75 10.17
N THR A 176 -12.76 12.68 10.70
CA THR A 176 -13.27 13.92 11.24
C THR A 176 -12.43 15.07 10.68
N GLY A 177 -12.86 16.30 10.93
CA GLY A 177 -12.20 17.42 10.31
C GLY A 177 -12.53 17.49 8.82
N SER A 178 -11.85 18.43 8.16
CA SER A 178 -11.95 18.65 6.73
C SER A 178 -10.93 17.78 6.03
N LEU A 179 -11.31 17.20 4.90
CA LEU A 179 -10.30 16.63 4.01
C LEU A 179 -9.40 17.76 3.49
N ASN A 180 -8.09 17.57 3.55
CA ASN A 180 -7.16 18.45 2.89
C ASN A 180 -6.52 17.76 1.70
N TRP A 181 -6.37 18.49 0.61
CA TRP A 181 -5.96 17.92 -0.66
C TRP A 181 -4.52 18.29 -0.97
N VAL A 182 -3.77 17.30 -1.45
CA VAL A 182 -2.35 17.38 -1.73
C VAL A 182 -2.14 17.01 -3.19
N PRO A 183 -1.61 17.89 -4.03
CA PRO A 183 -1.34 17.51 -5.43
C PRO A 183 -0.31 16.39 -5.53
N VAL A 184 -0.53 15.48 -6.47
CA VAL A 184 0.48 14.47 -6.79
C VAL A 184 1.63 15.19 -7.48
N SER A 185 2.83 15.08 -6.91
CA SER A 185 4.00 15.76 -7.48
C SER A 185 4.50 15.07 -8.74
N VAL A 186 4.49 13.75 -8.77
CA VAL A 186 4.96 12.96 -9.90
C VAL A 186 4.03 11.77 -10.05
N GLU A 187 3.34 11.66 -11.18
CA GLU A 187 2.35 10.60 -11.38
C GLU A 187 3.07 9.29 -11.66
N GLY A 188 2.97 8.34 -10.74
CA GLY A 188 3.58 7.02 -10.89
C GLY A 188 3.17 6.22 -9.68
N TYR A 189 3.93 6.42 -8.61
CA TYR A 189 3.38 6.21 -7.29
C TYR A 189 2.38 7.32 -7.00
N TRP A 190 1.73 7.21 -5.84
CA TRP A 190 1.00 8.33 -5.26
C TRP A 190 2.01 9.15 -4.46
N GLN A 191 2.76 9.93 -5.23
CA GLN A 191 3.92 10.68 -4.75
C GLN A 191 3.53 12.12 -4.50
N ILE A 192 3.98 12.65 -3.36
CA ILE A 192 3.63 13.99 -2.88
C ILE A 192 4.88 14.63 -2.31
N THR A 193 4.82 15.94 -2.12
CA THR A 193 5.91 16.68 -1.51
C THR A 193 5.65 16.86 -0.02
N LEU A 194 6.61 16.43 0.80
CA LEU A 194 6.62 16.70 2.23
C LEU A 194 7.41 17.97 2.48
N ASP A 195 6.92 18.80 3.39
CA ASP A 195 7.58 20.07 3.65
C ASP A 195 8.61 20.00 4.77
N SER A 196 8.31 19.24 5.82
CA SER A 196 9.19 19.12 6.98
C SER A 196 8.73 17.99 7.86
N ILE A 197 9.63 17.53 8.71
CA ILE A 197 9.31 16.63 9.82
C ILE A 197 9.88 17.25 11.08
N THR A 198 9.02 17.44 12.09
CA THR A 198 9.37 18.18 13.29
C THR A 198 8.97 17.40 14.55
N MET A 199 9.64 17.74 15.64
CA MET A 199 9.34 17.15 16.94
C MET A 199 9.61 18.24 17.96
N ASP A 200 8.62 18.50 18.82
CA ASP A 200 8.69 19.55 19.82
C ASP A 200 9.16 20.86 19.20
N GLY A 201 8.66 21.18 18.02
CA GLY A 201 8.89 22.45 17.40
C GLY A 201 10.16 22.59 16.61
N GLU A 202 11.03 21.59 16.58
CA GLU A 202 12.26 21.69 15.81
C GLU A 202 12.26 20.64 14.72
N THR A 203 12.93 20.98 13.63
CA THR A 203 13.01 20.11 12.46
C THR A 203 14.00 18.99 12.71
N ILE A 204 13.55 17.76 12.48
CA ILE A 204 14.39 16.57 12.70
C ILE A 204 14.73 15.84 11.42
N ALA A 205 14.04 16.12 10.32
CA ALA A 205 14.36 15.52 9.02
C ALA A 205 13.59 16.30 7.96
N CYS A 206 13.90 16.01 6.71
CA CYS A 206 13.23 16.61 5.56
C CYS A 206 13.35 18.13 5.55
N SER A 207 14.51 18.64 5.95
CA SER A 207 14.70 20.10 5.95
C SER A 207 14.72 20.60 4.52
N GLY A 208 13.88 21.59 4.21
CA GLY A 208 13.78 22.09 2.86
C GLY A 208 12.93 21.26 1.93
N GLY A 209 12.25 20.25 2.44
CA GLY A 209 11.32 19.51 1.62
C GLY A 209 11.90 18.23 1.08
N CYS A 210 11.03 17.26 0.84
CA CYS A 210 11.44 15.95 0.36
C CYS A 210 10.24 15.31 -0.32
N GLN A 211 10.50 14.19 -0.99
CA GLN A 211 9.48 13.46 -1.72
C GLN A 211 9.04 12.24 -0.92
N ALA A 212 7.75 11.91 -1.00
CA ALA A 212 7.19 10.77 -0.28
C ALA A 212 6.10 10.14 -1.13
N ILE A 213 5.82 8.86 -0.86
CA ILE A 213 4.68 8.19 -1.49
C ILE A 213 3.76 7.68 -0.39
N VAL A 214 2.46 7.60 -0.72
CA VAL A 214 1.46 7.11 0.22
C VAL A 214 1.19 5.66 -0.16
N ASP A 215 1.60 4.72 0.69
CA ASP A 215 1.68 3.32 0.28
C ASP A 215 1.04 2.39 1.31
N THR A 216 -0.15 1.91 0.99
CA THR A 216 -0.84 0.95 1.85
C THR A 216 -0.09 -0.38 1.96
N GLY A 217 0.74 -0.71 0.94
CA GLY A 217 1.48 -1.95 0.88
C GLY A 217 2.76 -2.01 1.69
N THR A 218 3.16 -0.91 2.33
CA THR A 218 4.28 -0.86 3.24
C THR A 218 3.77 -0.75 4.67
N SER A 219 4.33 -1.54 5.59
CA SER A 219 3.86 -1.53 6.97
C SER A 219 4.35 -0.30 7.72
N LEU A 220 5.63 0.02 7.59
CA LEU A 220 6.30 1.01 8.42
C LEU A 220 6.35 2.35 7.70
N LEU A 221 6.87 3.35 8.41
CA LEU A 221 7.17 4.65 7.83
C LEU A 221 8.66 4.65 7.49
N THR A 222 8.99 4.66 6.20
CA THR A 222 10.38 4.52 5.80
C THR A 222 10.93 5.80 5.22
N GLY A 223 12.22 6.00 5.43
CA GLY A 223 12.92 7.11 4.83
C GLY A 223 14.36 6.77 4.53
N PRO A 224 15.07 7.72 3.95
CA PRO A 224 16.51 7.50 3.69
C PRO A 224 17.21 7.13 4.98
N THR A 225 18.21 6.25 4.86
CA THR A 225 18.80 5.63 6.04
C THR A 225 19.41 6.67 6.98
N SER A 226 20.09 7.67 6.43
CA SER A 226 20.73 8.68 7.27
C SER A 226 19.71 9.48 8.06
N ALA A 227 18.65 9.94 7.38
CA ALA A 227 17.62 10.68 8.09
C ALA A 227 16.94 9.82 9.16
N ILE A 228 16.63 8.56 8.83
CA ILE A 228 15.93 7.72 9.80
C ILE A 228 16.81 7.46 11.01
N ALA A 229 18.11 7.27 10.79
CA ALA A 229 19.02 7.08 11.92
C ALA A 229 18.88 8.21 12.93
N ASN A 230 18.86 9.46 12.45
CA ASN A 230 18.67 10.58 13.35
C ASN A 230 17.35 10.46 14.11
N ILE A 231 16.26 10.14 13.41
CA ILE A 231 14.97 10.04 14.07
C ILE A 231 14.99 8.97 15.15
N GLN A 232 15.54 7.79 14.82
CA GLN A 232 15.64 6.72 15.79
C GLN A 232 16.36 7.22 17.05
N SER A 233 17.51 7.87 16.84
CA SER A 233 18.22 8.46 17.98
C SER A 233 17.33 9.47 18.70
N ASP A 234 16.55 10.27 17.94
CA ASP A 234 15.73 11.29 18.57
C ASP A 234 14.65 10.70 19.47
N ILE A 235 14.14 9.50 19.17
CA ILE A 235 13.09 8.91 19.98
C ILE A 235 13.62 7.88 20.98
N GLY A 236 14.92 7.57 20.92
CA GLY A 236 15.49 6.64 21.86
C GLY A 236 15.39 5.19 21.44
N ALA A 237 15.38 4.92 20.14
CA ALA A 237 15.31 3.57 19.62
C ALA A 237 16.72 3.06 19.33
N SER A 238 17.01 1.85 19.82
CA SER A 238 18.34 1.23 19.72
C SER A 238 18.18 -0.14 19.07
N GLU A 239 19.10 -0.47 18.16
CA GLU A 239 19.10 -1.80 17.57
C GLU A 239 19.77 -2.80 18.50
N ASN A 240 19.14 -3.96 18.67
CA ASN A 240 19.57 -4.94 19.65
C ASN A 240 20.27 -6.10 18.96
N SER A 241 20.59 -7.14 19.74
CA SER A 241 21.32 -8.29 19.24
C SER A 241 20.64 -8.93 18.05
N ASP A 242 19.32 -8.81 17.95
CA ASP A 242 18.54 -9.53 16.96
C ASP A 242 18.19 -8.68 15.74
N GLY A 243 18.68 -7.45 15.67
CA GLY A 243 18.37 -6.59 14.54
C GLY A 243 17.02 -5.92 14.61
N GLU A 244 16.49 -5.68 15.81
CA GLU A 244 15.23 -5.01 16.02
C GLU A 244 15.47 -3.63 16.62
N MET A 245 14.71 -2.64 16.16
CA MET A 245 14.83 -1.27 16.65
C MET A 245 13.98 -1.13 17.91
N VAL A 246 14.61 -1.41 19.07
CA VAL A 246 13.90 -1.53 20.33
C VAL A 246 13.78 -0.18 21.00
N ILE A 247 12.67 0.01 21.69
CA ILE A 247 12.36 1.28 22.35
C ILE A 247 11.55 0.96 23.60
N SER A 248 11.79 1.71 24.66
CA SER A 248 11.07 1.49 25.90
C SER A 248 9.61 1.88 25.74
N CYS A 249 8.70 0.96 26.07
CA CYS A 249 7.27 1.26 26.00
C CYS A 249 6.89 2.45 26.86
N SER A 250 7.68 2.78 27.89
CA SER A 250 7.34 3.94 28.70
C SER A 250 7.45 5.24 27.91
N SER A 251 8.24 5.26 26.84
CA SER A 251 8.34 6.46 26.03
C SER A 251 7.02 6.80 25.34
N ILE A 252 6.12 5.83 25.16
CA ILE A 252 4.83 6.13 24.54
C ILE A 252 4.13 7.25 25.29
N ASP A 253 4.24 7.26 26.62
CA ASP A 253 3.61 8.31 27.42
C ASP A 253 4.51 9.51 27.64
N SER A 254 5.79 9.37 27.34
CA SER A 254 6.78 10.44 27.54
C SER A 254 6.93 11.32 26.31
N LEU A 255 7.00 10.72 25.14
CA LEU A 255 7.51 11.39 23.96
C LEU A 255 6.48 12.33 23.35
N PRO A 256 6.94 13.35 22.62
CA PRO A 256 6.02 14.23 21.90
C PRO A 256 5.67 13.64 20.53
N ASP A 257 4.66 14.24 19.91
CA ASP A 257 4.30 13.87 18.54
C ASP A 257 5.43 14.20 17.58
N ILE A 258 5.54 13.41 16.52
CA ILE A 258 6.34 13.72 15.35
C ILE A 258 5.36 14.22 14.29
N VAL A 259 5.62 15.40 13.71
CA VAL A 259 4.66 16.11 12.90
C VAL A 259 5.17 16.20 11.47
N PHE A 260 4.36 15.71 10.53
CA PHE A 260 4.66 15.80 9.11
C PHE A 260 3.88 16.97 8.52
N THR A 261 4.59 17.94 7.94
CA THR A 261 3.93 19.06 7.28
C THR A 261 3.87 18.74 5.78
N ILE A 262 2.64 18.66 5.26
CA ILE A 262 2.38 18.28 3.88
C ILE A 262 1.49 19.36 3.29
N ASN A 263 1.97 20.00 2.22
CA ASN A 263 1.26 21.10 1.57
C ASN A 263 0.83 22.16 2.60
N GLY A 264 1.72 22.42 3.56
CA GLY A 264 1.52 23.46 4.53
C GLY A 264 0.60 23.12 5.68
N VAL A 265 0.14 21.89 5.80
CA VAL A 265 -0.77 21.45 6.86
C VAL A 265 -0.01 20.44 7.72
N GLN A 266 -0.17 20.54 9.04
CA GLN A 266 0.52 19.65 9.97
C GLN A 266 -0.27 18.37 10.22
N TYR A 267 0.41 17.22 10.08
CA TYR A 267 -0.15 15.90 10.34
C TYR A 267 0.64 15.23 11.45
N PRO A 268 0.14 15.24 12.68
CA PRO A 268 0.87 14.59 13.77
C PRO A 268 0.68 13.08 13.79
N LEU A 269 1.74 12.42 14.26
CA LEU A 269 1.70 11.02 14.66
C LEU A 269 2.07 10.96 16.14
N SER A 270 1.17 10.45 16.96
CA SER A 270 1.50 10.30 18.36
C SER A 270 2.47 9.13 18.53
N PRO A 271 3.21 9.09 19.63
CA PRO A 271 4.04 7.91 19.88
C PRO A 271 3.22 6.63 19.92
N SER A 272 1.95 6.71 20.34
CA SER A 272 1.02 5.58 20.21
C SER A 272 0.96 5.03 18.80
N ALA A 273 1.25 5.86 17.81
CA ALA A 273 1.24 5.46 16.41
C ALA A 273 2.61 5.06 15.90
N TYR A 274 3.66 5.82 16.23
CA TYR A 274 4.95 5.56 15.62
C TYR A 274 5.83 4.65 16.48
N ILE A 275 5.34 4.23 17.64
CA ILE A 275 5.92 3.12 18.39
C ILE A 275 4.95 1.94 18.34
N LEU A 276 5.46 0.78 17.90
CA LEU A 276 4.64 -0.42 17.83
C LEU A 276 4.65 -1.20 19.13
N ASP A 280 4.92 -6.76 25.86
CA ASP A 280 5.59 -5.50 26.14
C ASP A 280 6.90 -5.39 25.37
N SER A 281 6.85 -5.72 24.09
CA SER A 281 7.96 -5.55 23.16
C SER A 281 7.60 -4.36 22.25
N CYS A 282 8.20 -3.21 22.51
CA CYS A 282 7.99 -2.02 21.71
C CYS A 282 9.15 -1.82 20.74
N THR A 283 8.81 -1.55 19.48
CA THR A 283 9.78 -1.27 18.43
C THR A 283 9.40 0.02 17.73
N SER A 284 10.35 0.57 16.98
CA SER A 284 10.12 1.79 16.22
C SER A 284 9.29 1.51 14.98
N GLY A 285 8.35 2.40 14.69
CA GLY A 285 7.62 2.33 13.43
C GLY A 285 8.35 2.89 12.24
N PHE A 286 9.56 3.41 12.44
CA PHE A 286 10.38 3.91 11.36
C PHE A 286 11.40 2.86 10.91
N GLU A 287 11.72 2.89 9.63
CA GLU A 287 12.76 2.01 9.10
C GLU A 287 13.49 2.74 8.00
N GLY A 288 14.82 2.62 7.98
CA GLY A 288 15.59 3.21 6.91
C GLY A 288 15.47 2.36 5.67
N MET A 289 15.21 2.99 4.54
CA MET A 289 15.24 2.30 3.26
C MET A 289 15.42 3.32 2.14
N ASP A 290 16.44 3.12 1.32
CA ASP A 290 16.82 4.14 0.34
C ASP A 290 16.16 3.79 -0.99
N VAL A 291 15.35 4.72 -1.50
CA VAL A 291 14.60 4.55 -2.73
C VAL A 291 15.00 5.68 -3.67
N PRO A 292 16.10 5.53 -4.42
CA PRO A 292 16.51 6.61 -5.33
C PRO A 292 15.62 6.70 -6.55
N THR A 293 15.31 7.93 -6.94
CA THR A 293 14.59 8.20 -8.17
C THR A 293 15.10 9.52 -8.74
N SER A 294 14.71 9.81 -9.97
CA SER A 294 15.07 11.11 -10.54
C SER A 294 14.49 12.26 -9.71
N SER A 295 13.39 11.99 -8.99
CA SER A 295 12.79 12.99 -8.09
C SER A 295 13.62 13.24 -6.83
N GLY A 296 14.56 12.37 -6.53
CA GLY A 296 15.18 12.28 -5.22
C GLY A 296 14.76 11.02 -4.48
N GLU A 297 15.42 10.80 -3.35
CA GLU A 297 15.09 9.66 -2.51
C GLU A 297 13.65 9.79 -2.00
N LEU A 298 12.92 8.69 -2.01
CA LEU A 298 11.53 8.68 -1.57
C LEU A 298 11.43 8.24 -0.11
N TRP A 299 10.65 8.99 0.66
CA TRP A 299 10.07 8.49 1.89
C TRP A 299 8.81 7.70 1.57
N ILE A 300 8.44 6.76 2.43
CA ILE A 300 7.21 5.99 2.24
C ILE A 300 6.34 6.13 3.48
N LEU A 301 5.19 6.76 3.31
CA LEU A 301 4.20 6.86 4.37
C LEU A 301 3.36 5.59 4.28
N GLY A 302 3.77 4.57 5.01
CA GLY A 302 3.09 3.29 5.01
C GLY A 302 1.98 3.24 6.04
N ASP A 303 1.65 2.02 6.47
CA ASP A 303 0.48 1.80 7.32
C ASP A 303 0.58 2.51 8.66
N VAL A 304 1.80 2.68 9.19
CA VAL A 304 1.96 3.47 10.42
C VAL A 304 1.30 4.83 10.26
N PHE A 305 1.48 5.46 9.09
CA PHE A 305 0.87 6.77 8.83
C PHE A 305 -0.60 6.65 8.44
N ILE A 306 -0.92 5.73 7.52
CA ILE A 306 -2.27 5.68 6.95
C ILE A 306 -3.29 5.26 7.99
N ARG A 307 -2.90 4.46 8.98
CA ARG A 307 -3.83 4.12 10.05
C ARG A 307 -4.35 5.37 10.76
N GLN A 308 -3.59 6.45 10.74
CA GLN A 308 -4.01 7.66 11.44
C GLN A 308 -4.77 8.62 10.55
N TYR A 309 -4.70 8.46 9.22
CA TYR A 309 -5.31 9.39 8.26
C TYR A 309 -6.07 8.65 7.18
N TYR A 310 -7.39 8.79 7.22
CA TYR A 310 -8.21 8.34 6.10
C TYR A 310 -7.70 9.00 4.83
N THR A 311 -7.52 8.21 3.78
CA THR A 311 -6.85 8.69 2.58
C THR A 311 -7.72 8.51 1.35
N VAL A 312 -7.86 9.58 0.56
CA VAL A 312 -8.57 9.54 -0.71
C VAL A 312 -7.55 9.66 -1.82
N PHE A 313 -7.66 8.79 -2.80
CA PHE A 313 -6.76 8.73 -3.94
C PHE A 313 -7.57 9.15 -5.16
N ASP A 314 -7.34 10.37 -5.65
CA ASP A 314 -8.25 10.98 -6.63
C ASP A 314 -7.57 11.06 -7.98
N ARG A 315 -7.98 10.19 -8.91
CA ARG A 315 -7.40 10.19 -10.25
C ARG A 315 -8.04 11.22 -11.17
N ALA A 316 -9.24 11.73 -10.83
CA ALA A 316 -9.86 12.78 -11.65
C ALA A 316 -9.04 14.06 -11.60
N ASN A 317 -8.43 14.30 -10.43
CA ASN A 317 -7.78 15.52 -9.98
C ASN A 317 -6.27 15.37 -9.83
N ASN A 318 -5.75 14.14 -9.78
CA ASN A 318 -4.37 13.85 -9.40
C ASN A 318 -4.00 14.50 -8.07
N LYS A 319 -4.79 14.16 -7.06
CA LYS A 319 -4.58 14.63 -5.70
C LYS A 319 -4.83 13.52 -4.70
N VAL A 320 -4.19 13.66 -3.54
CA VAL A 320 -4.40 12.81 -2.35
C VAL A 320 -5.13 13.64 -1.31
N GLY A 321 -6.20 13.09 -0.74
CA GLY A 321 -6.95 13.75 0.33
C GLY A 321 -6.67 13.05 1.65
N LEU A 322 -6.49 13.85 2.71
CA LEU A 322 -6.17 13.32 4.03
C LEU A 322 -7.03 13.95 5.11
N ALA A 323 -7.48 13.13 6.05
CA ALA A 323 -8.18 13.61 7.24
C ALA A 323 -7.98 12.61 8.37
N PRO A 324 -7.93 13.11 9.61
CA PRO A 324 -7.77 12.21 10.77
C PRO A 324 -8.84 11.14 10.84
N VAL A 325 -8.43 9.90 11.13
CA VAL A 325 -9.39 8.82 11.25
C VAL A 325 -10.35 9.09 12.41
N ALA A 326 -11.56 8.57 12.29
CA ALA A 326 -12.55 8.71 13.36
C ALA A 326 -12.07 8.05 14.66
#